data_8QH1
#
_entry.id   8QH1
#
_cell.length_a   57.793
_cell.length_b   85.348
_cell.length_c   193.987
_cell.angle_alpha   90.000
_cell.angle_beta   97.480
_cell.angle_gamma   90.000
#
_symmetry.space_group_name_H-M   'I 1 2 1'
#
loop_
_entity.id
_entity.type
_entity.pdbx_description
1 polymer 'Spike glycoprotein'
2 polymer 'Cv2.3194 heavy chain'
3 polymer 'IGK@ protein'
4 non-polymer 2-acetamido-2-deoxy-beta-D-glucopyranose
5 water water
#
loop_
_entity_poly.entity_id
_entity_poly.type
_entity_poly.pdbx_seq_one_letter_code
_entity_poly.pdbx_strand_id
1 'polypeptide(L)'
;NITNLCPFDEVFNATRFASVYAWNRKRISNCVADYSVLYNFAPFFAFKCYGVSPTKLNDLCFTNVYADSFVIRGNEVSQI
APGQTGNIADYNYKLPDDFTGCVIAWNSNKLDSKVGGNYNYRYRLFRKSNLKPFERDISTEIYQAGNKPCNGVAGVNCYF
PLQSYGFRPTYGVGHQPYRVVVLSFELLHAPATVCGPKGSGLVPRGSHHHHHHHHSAWSHPQFEKGTGGLNDIFEAQKIE
WHE
;
E
2 'polypeptide(L)'
;EVQLVESGGGLIQPGGSLRLSCAASGITVTSNYMSWVRQAPGKGLEWVSVIYPGGSTFYADSVKGRFTISRDNSKNTLYL
QMNSLRAEDTAVYYCARDLVVYGMDVWGQGTTVTVSSASTKGPSVFPLAPSSKSTSGGTAALGCLVKDYFPEPVTVSWNS
GALTSGVHTFPAVLQSSGLYSLSSVVTVPSSSLGTQTYICNVNHKPSNTKVDKRVEPKSCDKTHHHHHH
;
H
3 'polypeptide(L)'
;EIVLTQSPGTLSLSPGERATLSCRASQSVSSSYLAWYQQKPGQAPRLLIYGASSRATGIPGRFSGSGSGTDFTLTISRLE
PEDFAIYYCQQGVTFGGGTKVEIKRTVAAPSVFIFPPSDEQLKSGTASVVCLLNNFYPREAKVQWKVDNALQSGNSQESV
TEQDSKDSTYSLSSTLTLSKADYEKHKVYACEVTHQGLSSPVTKSFNRGEC
;
L
#
loop_
_chem_comp.id
_chem_comp.type
_chem_comp.name
_chem_comp.formula
NAG D-saccharide, beta linking 2-acetamido-2-deoxy-beta-D-glucopyranose 'C8 H15 N O6'
#
# COMPACT_ATOMS: atom_id res chain seq x y z
N THR A 3 23.94 53.03 22.83
CA THR A 3 24.20 51.88 21.96
C THR A 3 23.93 50.57 22.71
N ASN A 4 22.66 50.27 22.92
CA ASN A 4 22.26 49.03 23.57
C ASN A 4 22.23 47.90 22.56
N LEU A 5 22.43 46.68 23.06
CA LEU A 5 22.48 45.49 22.22
C LEU A 5 21.12 44.78 22.21
N CYS A 6 20.89 44.02 21.15
CA CYS A 6 19.60 43.36 20.97
C CYS A 6 19.55 42.07 21.80
N PRO A 7 18.42 41.81 22.47
CA PRO A 7 18.31 40.63 23.36
C PRO A 7 18.09 39.34 22.58
N PHE A 8 19.11 38.94 21.82
CA PHE A 8 19.05 37.67 21.10
C PHE A 8 19.28 36.48 22.02
N ASP A 9 20.00 36.66 23.11
CA ASP A 9 20.16 35.59 24.09
C ASP A 9 18.84 35.22 24.73
N GLU A 10 17.93 36.19 24.89
CA GLU A 10 16.62 35.89 25.46
C GLU A 10 15.79 35.01 24.53
N VAL A 11 16.05 35.07 23.23
CA VAL A 11 15.25 34.31 22.26
C VAL A 11 15.87 32.95 21.99
N PHE A 12 17.16 32.91 21.62
CA PHE A 12 17.80 31.65 21.29
C PHE A 12 18.07 30.83 22.53
N ASN A 13 18.84 31.37 23.48
CA ASN A 13 19.21 30.66 24.69
C ASN A 13 18.07 30.58 25.71
N ALA A 14 16.83 30.81 25.30
CA ALA A 14 15.71 30.73 26.22
C ALA A 14 15.57 29.32 26.78
N THR A 15 14.94 29.22 27.96
CA THR A 15 14.81 27.93 28.62
C THR A 15 13.77 27.05 27.94
N ARG A 16 12.55 27.56 27.79
CA ARG A 16 11.45 26.80 27.21
C ARG A 16 10.94 27.50 25.96
N PHE A 17 10.81 26.73 24.88
CA PHE A 17 10.22 27.20 23.64
C PHE A 17 8.75 26.79 23.59
N ALA A 18 8.00 27.51 22.76
CA ALA A 18 6.57 27.26 22.63
C ALA A 18 6.31 26.14 21.61
N SER A 19 5.10 25.59 21.68
CA SER A 19 4.65 24.69 20.62
C SER A 19 4.44 25.46 19.33
N VAL A 20 4.62 24.76 18.20
CA VAL A 20 4.63 25.45 16.91
C VAL A 20 3.27 26.06 16.59
N TYR A 21 2.19 25.45 17.07
CA TYR A 21 0.86 26.04 16.83
C TYR A 21 0.68 27.35 17.57
N ALA A 22 1.33 27.50 18.73
CA ALA A 22 1.30 28.75 19.48
C ALA A 22 2.69 29.37 19.51
N TRP A 23 3.29 29.55 18.34
CA TRP A 23 4.66 30.05 18.25
C TRP A 23 4.78 31.42 18.89
N ASN A 24 5.93 31.67 19.51
CA ASN A 24 6.16 32.94 20.19
C ASN A 24 6.75 33.96 19.22
N ARG A 25 6.39 35.23 19.42
CA ARG A 25 6.94 36.32 18.63
C ARG A 25 7.53 37.36 19.57
N LYS A 26 8.84 37.59 19.44
CA LYS A 26 9.53 38.63 20.19
C LYS A 26 9.80 39.79 19.25
N ARG A 27 9.26 40.96 19.58
CA ARG A 27 9.51 42.17 18.82
C ARG A 27 10.84 42.77 19.27
N ILE A 28 11.57 43.35 18.32
CA ILE A 28 12.92 43.85 18.58
C ILE A 28 13.06 45.20 17.90
N SER A 29 13.39 46.22 18.68
CA SER A 29 13.57 47.57 18.17
C SER A 29 14.54 48.33 19.07
N ASN A 30 15.21 49.32 18.47
CA ASN A 30 16.09 50.23 19.18
C ASN A 30 17.28 49.52 19.81
N CYS A 31 18.11 48.90 18.98
CA CYS A 31 19.31 48.23 19.46
C CYS A 31 20.26 48.00 18.29
N VAL A 32 21.46 47.52 18.64
CA VAL A 32 22.47 47.13 17.66
C VAL A 32 22.67 45.63 17.77
N ALA A 33 22.67 44.96 16.62
CA ALA A 33 22.71 43.51 16.54
C ALA A 33 23.97 43.06 15.82
N ASP A 34 24.59 42.00 16.34
CA ASP A 34 25.75 41.37 15.72
C ASP A 34 25.30 39.99 15.23
N TYR A 35 24.76 39.97 14.01
CA TYR A 35 24.33 38.71 13.42
C TYR A 35 25.51 37.80 13.09
N SER A 36 26.70 38.37 12.90
CA SER A 36 27.88 37.54 12.64
C SER A 36 28.20 36.63 13.81
N VAL A 37 27.93 37.10 15.04
CA VAL A 37 28.07 36.23 16.20
C VAL A 37 27.14 35.04 16.08
N LEU A 38 25.96 35.24 15.50
CA LEU A 38 24.99 34.18 15.32
C LEU A 38 25.22 33.48 13.97
N ALA A 42 28.56 27.57 15.14
CA ALA A 42 28.85 26.20 14.70
C ALA A 42 27.75 25.19 15.09
N PRO A 43 27.28 25.20 16.34
CA PRO A 43 26.18 24.28 16.70
C PRO A 43 24.89 24.56 15.95
N PHE A 44 24.67 25.80 15.51
CA PHE A 44 23.56 26.11 14.62
C PHE A 44 23.71 25.35 13.31
N PHE A 45 22.87 24.34 13.11
CA PHE A 45 22.99 23.43 11.99
C PHE A 45 21.99 23.72 10.86
N ALA A 46 21.23 24.81 10.97
CA ALA A 46 20.36 25.27 9.90
C ALA A 46 20.37 26.79 9.93
N PHE A 47 20.90 27.40 8.87
CA PHE A 47 21.04 28.86 8.79
C PHE A 47 20.76 29.25 7.33
N LYS A 48 19.49 29.48 7.01
CA LYS A 48 19.07 29.72 5.64
C LYS A 48 18.43 31.10 5.56
N CYS A 49 19.05 32.00 4.79
CA CYS A 49 18.54 33.36 4.64
C CYS A 49 17.96 33.56 3.25
N TYR A 50 16.86 34.29 3.18
CA TYR A 50 16.12 34.55 1.95
C TYR A 50 15.99 36.04 1.75
N GLY A 51 16.25 36.51 0.53
CA GLY A 51 16.16 37.91 0.20
C GLY A 51 17.28 38.77 0.73
N VAL A 52 18.23 38.19 1.48
CA VAL A 52 19.34 38.96 2.03
C VAL A 52 20.45 37.98 2.37
N SER A 53 21.69 38.42 2.14
CA SER A 53 22.84 37.60 2.51
C SER A 53 23.12 37.74 4.00
N PRO A 54 23.67 36.70 4.63
CA PRO A 54 23.84 36.74 6.09
C PRO A 54 24.84 37.78 6.56
N THR A 55 25.97 37.93 5.86
CA THR A 55 27.01 38.85 6.32
C THR A 55 26.52 40.29 6.29
N LYS A 56 26.01 40.74 5.14
CA LYS A 56 25.55 42.11 4.99
C LYS A 56 24.53 42.53 6.03
N LEU A 57 23.94 41.58 6.78
CA LEU A 57 23.01 41.95 7.85
C LEU A 57 23.67 42.84 8.89
N ASN A 58 24.99 42.70 9.08
CA ASN A 58 25.67 43.54 10.05
C ASN A 58 25.83 44.98 9.57
N ASP A 59 25.58 45.25 8.28
CA ASP A 59 25.68 46.59 7.73
C ASP A 59 24.32 47.17 7.36
N LEU A 60 23.22 46.56 7.82
CA LEU A 60 21.88 47.00 7.47
C LEU A 60 21.16 47.55 8.69
N CYS A 61 20.13 48.34 8.42
CA CYS A 61 19.22 48.84 9.43
C CYS A 61 17.79 48.56 9.00
N PHE A 62 16.96 48.13 9.94
CA PHE A 62 15.56 47.85 9.67
C PHE A 62 14.71 48.55 10.73
N THR A 63 13.44 48.78 10.38
CA THR A 63 12.53 49.43 11.32
C THR A 63 12.25 48.55 12.52
N ASN A 64 11.93 47.27 12.28
CA ASN A 64 11.70 46.33 13.36
C ASN A 64 12.25 44.96 12.99
N VAL A 65 12.47 44.12 13.99
CA VAL A 65 12.85 42.74 13.78
C VAL A 65 11.90 41.85 14.58
N TYR A 66 11.43 40.77 13.95
CA TYR A 66 10.55 39.82 14.61
C TYR A 66 11.28 38.49 14.75
N ALA A 67 11.41 38.00 15.98
CA ALA A 67 12.03 36.72 16.26
C ALA A 67 10.93 35.75 16.68
N ASP A 68 10.54 34.87 15.77
CA ASP A 68 9.52 33.87 16.05
C ASP A 68 10.20 32.57 16.47
N SER A 69 9.82 32.05 17.63
CA SER A 69 10.46 30.87 18.19
C SER A 69 9.43 29.76 18.37
N PHE A 70 9.85 28.54 18.05
CA PHE A 70 9.03 27.35 18.32
C PHE A 70 9.90 26.11 18.22
N VAL A 71 9.27 24.95 18.39
CA VAL A 71 9.94 23.65 18.34
C VAL A 71 9.14 22.73 17.44
N ILE A 72 9.82 22.06 16.51
CA ILE A 72 9.16 21.07 15.65
C ILE A 72 10.01 19.80 15.65
N ARG A 73 9.67 18.86 14.80
CA ARG A 73 10.53 17.69 14.62
C ARG A 73 11.42 17.89 13.39
N GLY A 74 12.51 17.15 13.36
CA GLY A 74 13.56 17.31 12.36
C GLY A 74 13.10 17.38 10.92
N ASN A 75 12.51 16.30 10.42
CA ASN A 75 12.06 16.25 9.03
C ASN A 75 11.01 17.31 8.68
N GLU A 76 10.55 18.13 9.64
CA GLU A 76 9.62 19.21 9.33
C GLU A 76 10.29 20.56 9.20
N VAL A 77 11.58 20.68 9.53
CA VAL A 77 12.26 21.97 9.43
C VAL A 77 12.28 22.47 8.00
N SER A 78 12.29 21.55 7.02
CA SER A 78 12.25 21.95 5.62
C SER A 78 10.99 22.71 5.27
N GLN A 79 9.93 22.58 6.08
CA GLN A 79 8.70 23.32 5.82
C GLN A 79 8.82 24.79 6.22
N ILE A 80 9.77 25.14 7.09
CA ILE A 80 9.96 26.52 7.51
C ILE A 80 10.76 27.25 6.43
N ALA A 81 10.12 27.53 5.30
CA ALA A 81 10.74 28.17 4.16
C ALA A 81 9.66 28.71 3.26
N PRO A 82 9.94 29.75 2.47
CA PRO A 82 8.91 30.31 1.59
C PRO A 82 8.42 29.28 0.57
N GLY A 83 7.10 29.25 0.39
CA GLY A 83 6.48 28.39 -0.61
C GLY A 83 6.58 26.91 -0.30
N GLN A 84 6.12 26.49 0.87
CA GLN A 84 6.18 25.10 1.28
C GLN A 84 4.80 24.63 1.70
N THR A 85 4.63 23.30 1.71
CA THR A 85 3.38 22.67 2.12
C THR A 85 3.68 21.59 3.15
N GLY A 86 2.62 21.11 3.80
CA GLY A 86 2.73 20.19 4.91
C GLY A 86 1.99 20.71 6.12
N ASN A 87 1.83 19.81 7.10
CA ASN A 87 1.03 20.13 8.28
C ASN A 87 1.53 21.38 8.98
N ILE A 88 2.86 21.52 9.11
CA ILE A 88 3.42 22.68 9.79
C ILE A 88 3.16 23.95 9.00
N ALA A 89 3.56 23.95 7.72
CA ALA A 89 3.39 25.15 6.91
C ALA A 89 1.92 25.49 6.65
N ASP A 90 1.04 24.49 6.69
CA ASP A 90 -0.37 24.75 6.40
C ASP A 90 -1.16 25.19 7.63
N TYR A 91 -0.96 24.54 8.78
CA TYR A 91 -1.85 24.69 9.91
C TYR A 91 -1.15 25.17 11.18
N ASN A 92 0.13 25.51 11.11
CA ASN A 92 0.86 25.90 12.30
C ASN A 92 1.63 27.20 12.13
N TYR A 93 2.54 27.24 11.15
CA TYR A 93 3.38 28.42 10.95
C TYR A 93 3.73 28.52 9.47
N LYS A 94 3.28 29.59 8.83
CA LYS A 94 3.44 29.76 7.39
C LYS A 94 4.30 30.98 7.11
N LEU A 95 5.35 30.79 6.31
CA LEU A 95 6.15 31.89 5.83
C LEU A 95 5.61 32.41 4.51
N PRO A 96 5.67 33.71 4.26
CA PRO A 96 5.17 34.25 2.99
C PRO A 96 6.10 33.90 1.84
N ASP A 97 5.55 33.99 0.63
CA ASP A 97 6.33 33.63 -0.55
C ASP A 97 7.45 34.64 -0.81
N ASP A 98 7.23 35.92 -0.49
CA ASP A 98 8.25 36.95 -0.62
C ASP A 98 9.01 37.19 0.68
N PHE A 99 9.25 36.13 1.45
CA PHE A 99 9.88 36.26 2.75
C PHE A 99 11.30 36.80 2.63
N THR A 100 11.59 37.87 3.37
CA THR A 100 12.92 38.46 3.44
C THR A 100 13.39 38.34 4.88
N GLY A 101 14.18 37.31 5.17
CA GLY A 101 14.64 37.08 6.52
C GLY A 101 15.58 35.89 6.64
N CYS A 102 15.60 35.25 7.80
CA CYS A 102 16.50 34.11 8.00
C CYS A 102 15.83 33.09 8.91
N VAL A 103 15.91 31.82 8.53
CA VAL A 103 15.43 30.71 9.36
C VAL A 103 16.65 30.03 9.97
N ILE A 104 16.66 29.93 11.29
CA ILE A 104 17.72 29.28 12.04
C ILE A 104 17.10 28.13 12.82
N ALA A 105 17.79 27.00 12.83
CA ALA A 105 17.25 25.81 13.49
C ALA A 105 18.41 24.95 13.98
N TRP A 106 18.23 24.36 15.15
CA TRP A 106 19.26 23.49 15.71
C TRP A 106 18.62 22.38 16.52
N ASN A 107 19.31 21.24 16.58
CA ASN A 107 18.82 20.09 17.31
C ASN A 107 18.81 20.35 18.81
N SER A 108 17.72 19.99 19.47
CA SER A 108 17.57 20.14 20.91
C SER A 108 17.08 18.83 21.53
N ASN A 109 17.73 17.73 21.14
CA ASN A 109 17.37 16.43 21.70
C ASN A 109 17.73 16.36 23.18
N LYS A 110 18.86 16.94 23.57
CA LYS A 110 19.29 16.93 24.96
C LYS A 110 18.49 17.87 25.84
N LEU A 111 17.61 18.68 25.27
CA LEU A 111 16.83 19.65 26.02
C LEU A 111 15.33 19.39 26.04
N ASP A 112 14.77 18.85 24.95
CA ASP A 112 13.33 18.72 24.82
C ASP A 112 12.84 17.28 24.77
N SER A 113 13.73 16.30 24.81
CA SER A 113 13.35 14.89 24.80
C SER A 113 13.42 14.34 26.21
N LYS A 114 12.35 13.65 26.63
CA LYS A 114 12.29 13.00 27.93
C LYS A 114 12.05 11.51 27.73
N VAL A 115 12.74 10.69 28.51
CA VAL A 115 12.46 9.26 28.54
C VAL A 115 11.03 9.07 29.01
N GLY A 116 10.20 8.47 28.15
CA GLY A 116 8.79 8.34 28.42
C GLY A 116 7.92 9.32 27.68
N GLY A 117 8.50 10.30 27.01
CA GLY A 117 7.75 11.23 26.18
C GLY A 117 7.67 12.62 26.77
N ASN A 118 7.84 13.62 25.90
CA ASN A 118 7.63 15.03 26.23
C ASN A 118 6.41 15.48 25.46
N TYR A 119 5.25 15.45 26.11
CA TYR A 119 3.98 15.73 25.47
C TYR A 119 3.58 17.20 25.58
N ASN A 120 4.47 18.07 26.06
CA ASN A 120 4.16 19.50 26.14
C ASN A 120 4.15 20.13 24.74
N TYR A 121 5.06 19.71 23.87
CA TYR A 121 5.10 20.23 22.51
C TYR A 121 4.02 19.58 21.67
N ARG A 122 3.23 20.41 20.99
CA ARG A 122 2.14 19.93 20.16
C ARG A 122 2.11 20.69 18.84
N TYR A 123 1.41 20.13 17.87
CA TYR A 123 1.20 20.76 16.58
C TYR A 123 -0.24 20.54 16.14
N ARG A 124 -0.79 21.51 15.43
CA ARG A 124 -2.16 21.39 14.94
C ARG A 124 -2.20 20.41 13.77
N LEU A 125 -3.01 19.36 13.91
CA LEU A 125 -3.15 18.34 12.87
C LEU A 125 -4.38 18.56 11.99
N PHE A 126 -5.50 18.97 12.57
CA PHE A 126 -6.75 19.16 11.84
C PHE A 126 -7.06 20.64 11.71
N ARG A 127 -7.30 21.08 10.48
CA ARG A 127 -7.73 22.45 10.21
C ARG A 127 -8.33 22.49 8.81
N LYS A 128 -9.46 23.19 8.68
CA LYS A 128 -10.20 23.15 7.42
C LYS A 128 -9.48 23.90 6.31
N SER A 129 -8.75 24.97 6.65
CA SER A 129 -8.08 25.77 5.64
C SER A 129 -6.66 26.07 6.10
N ASN A 130 -5.82 26.45 5.14
CA ASN A 130 -4.43 26.75 5.43
C ASN A 130 -4.30 28.09 6.13
N LEU A 131 -3.22 28.23 6.90
CA LEU A 131 -2.92 29.50 7.54
C LEU A 131 -2.41 30.52 6.53
N LYS A 132 -2.74 31.78 6.76
CA LYS A 132 -2.09 32.87 6.06
C LYS A 132 -0.69 33.05 6.62
N PRO A 133 0.20 33.72 5.89
CA PRO A 133 1.55 33.95 6.41
C PRO A 133 1.52 34.67 7.74
N PHE A 134 2.31 34.15 8.69
CA PHE A 134 2.44 34.70 10.05
C PHE A 134 1.12 34.69 10.81
N GLU A 135 0.18 33.82 10.43
CA GLU A 135 -1.04 33.65 11.19
C GLU A 135 -0.79 32.74 12.38
N ARG A 136 -1.54 32.97 13.45
CA ARG A 136 -1.36 32.24 14.70
C ARG A 136 -2.71 31.77 15.20
N ASP A 137 -2.90 30.45 15.28
CA ASP A 137 -4.16 29.84 15.67
C ASP A 137 -3.92 29.03 16.95
N ILE A 138 -4.54 29.47 18.05
CA ILE A 138 -4.47 28.76 19.31
C ILE A 138 -5.82 28.17 19.70
N SER A 139 -6.76 28.08 18.77
CA SER A 139 -8.07 27.53 19.06
CA SER A 139 -8.07 27.53 19.06
C SER A 139 -7.97 26.02 19.30
N THR A 140 -8.57 25.56 20.40
CA THR A 140 -8.59 24.15 20.75
C THR A 140 -9.99 23.56 20.61
N GLU A 141 -10.81 24.17 19.76
CA GLU A 141 -12.17 23.68 19.55
C GLU A 141 -12.15 22.33 18.83
N ILE A 142 -13.16 21.52 19.12
CA ILE A 142 -13.26 20.18 18.54
C ILE A 142 -13.47 20.31 17.03
N TYR A 143 -12.70 19.55 16.27
CA TYR A 143 -12.73 19.61 14.80
C TYR A 143 -13.86 18.74 14.27
N GLN A 144 -14.68 19.31 13.39
CA GLN A 144 -15.84 18.63 12.82
C GLN A 144 -15.49 18.13 11.42
N ALA A 145 -15.29 16.81 11.30
CA ALA A 145 -14.95 16.21 10.02
C ALA A 145 -16.15 15.61 9.30
N GLY A 146 -17.31 15.54 9.95
CA GLY A 146 -18.50 15.00 9.34
C GLY A 146 -19.57 16.06 9.13
N ASN A 147 -20.74 15.58 8.68
CA ASN A 147 -21.88 16.43 8.42
C ASN A 147 -22.75 16.66 9.66
N LYS A 148 -22.20 16.42 10.85
CA LYS A 148 -22.92 16.63 12.09
C LYS A 148 -22.04 17.38 13.08
N PRO A 149 -22.63 18.22 13.93
CA PRO A 149 -21.84 19.02 14.86
C PRO A 149 -21.24 18.16 15.97
N CYS A 150 -20.36 18.80 16.74
CA CYS A 150 -19.63 18.14 17.82
C CYS A 150 -20.00 18.68 19.20
N ASN A 151 -19.97 20.00 19.37
CA ASN A 151 -20.31 20.66 20.63
C ASN A 151 -19.37 20.21 21.75
N GLY A 152 -18.07 20.42 21.52
CA GLY A 152 -17.07 20.10 22.51
C GLY A 152 -17.01 18.64 22.91
N VAL A 153 -17.48 17.74 22.05
CA VAL A 153 -17.52 16.32 22.35
C VAL A 153 -16.66 15.60 21.30
N ALA A 154 -15.52 15.07 21.74
CA ALA A 154 -14.66 14.32 20.85
C ALA A 154 -15.25 12.93 20.60
N GLY A 155 -15.27 12.51 19.34
CA GLY A 155 -15.82 11.22 18.98
C GLY A 155 -15.76 10.93 17.51
N VAL A 156 -16.81 10.29 16.97
CA VAL A 156 -16.87 9.97 15.56
C VAL A 156 -16.95 11.25 14.76
N ASN A 157 -15.97 11.46 13.85
CA ASN A 157 -15.88 12.66 13.03
C ASN A 157 -15.78 13.93 13.88
N CYS A 158 -15.25 13.79 15.09
CA CYS A 158 -15.06 14.92 16.00
C CYS A 158 -13.78 14.68 16.77
N TYR A 159 -12.72 15.40 16.42
CA TYR A 159 -11.39 15.14 16.96
C TYR A 159 -10.79 16.39 17.56
N PHE A 160 -9.91 16.20 18.53
CA PHE A 160 -9.13 17.30 19.07
C PHE A 160 -8.13 17.76 18.01
N PRO A 161 -8.03 19.05 17.72
CA PRO A 161 -7.24 19.49 16.56
C PRO A 161 -5.74 19.39 16.75
N LEU A 162 -5.25 19.32 17.98
CA LEU A 162 -3.82 19.31 18.26
C LEU A 162 -3.35 17.88 18.52
N GLN A 163 -2.06 17.64 18.28
CA GLN A 163 -1.45 16.35 18.50
C GLN A 163 -0.07 16.57 19.12
N SER A 164 0.25 15.77 20.14
CA SER A 164 1.53 15.90 20.81
C SER A 164 2.62 15.12 20.07
N TYR A 165 3.83 15.67 20.10
CA TYR A 165 4.98 14.98 19.51
C TYR A 165 5.39 13.80 20.36
N GLY A 166 5.51 14.00 21.67
CA GLY A 166 6.01 12.96 22.55
C GLY A 166 7.46 12.62 22.29
N PHE A 167 8.32 13.63 22.30
CA PHE A 167 9.73 13.44 21.95
C PHE A 167 10.42 12.49 22.92
N ARG A 168 11.15 11.53 22.37
CA ARG A 168 11.95 10.59 23.13
C ARG A 168 13.38 10.58 22.60
N PRO A 169 14.37 10.40 23.46
CA PRO A 169 15.76 10.42 22.99
C PRO A 169 16.07 9.32 21.99
N THR A 170 15.29 8.24 21.97
CA THR A 170 15.54 7.12 21.07
C THR A 170 14.99 7.36 19.66
N TYR A 171 14.25 8.43 19.44
CA TYR A 171 13.76 8.75 18.11
C TYR A 171 14.93 9.09 17.19
N GLY A 172 14.73 8.85 15.90
CA GLY A 172 15.70 9.28 14.91
C GLY A 172 15.75 10.79 14.80
N VAL A 173 16.87 11.29 14.26
CA VAL A 173 17.08 12.72 14.13
C VAL A 173 15.99 13.39 13.32
N GLY A 174 15.31 12.64 12.44
CA GLY A 174 14.17 13.20 11.72
C GLY A 174 12.96 13.40 12.60
N HIS A 175 12.84 12.62 13.67
CA HIS A 175 11.73 12.72 14.61
C HIS A 175 12.12 13.39 15.91
N GLN A 176 13.37 13.85 16.03
CA GLN A 176 13.85 14.49 17.24
C GLN A 176 13.47 15.96 17.28
N PRO A 177 13.42 16.56 18.47
CA PRO A 177 13.02 17.96 18.56
C PRO A 177 14.10 18.91 18.05
N TYR A 178 13.66 19.90 17.28
CA TYR A 178 14.53 20.95 16.76
C TYR A 178 13.92 22.30 17.14
N ARG A 179 14.76 23.21 17.63
CA ARG A 179 14.33 24.56 17.95
C ARG A 179 14.56 25.46 16.75
N VAL A 180 13.56 26.27 16.44
CA VAL A 180 13.54 27.10 15.24
C VAL A 180 13.27 28.54 15.64
N VAL A 181 14.08 29.46 15.12
CA VAL A 181 13.91 30.89 15.26
C VAL A 181 13.89 31.51 13.86
N VAL A 182 12.82 32.22 13.55
CA VAL A 182 12.65 32.90 12.27
C VAL A 182 12.82 34.39 12.53
N LEU A 183 13.81 34.98 11.87
CA LEU A 183 14.08 36.41 11.98
C LEU A 183 13.52 37.10 10.74
N SER A 184 12.51 37.93 10.95
CA SER A 184 11.90 38.74 9.90
C SER A 184 12.31 40.19 10.08
N PHE A 185 12.67 40.85 8.98
CA PHE A 185 13.15 42.22 9.01
C PHE A 185 12.10 43.13 8.37
N GLU A 186 11.48 43.98 9.18
CA GLU A 186 10.39 44.84 8.75
C GLU A 186 10.91 46.24 8.49
N LEU A 187 10.72 46.73 7.26
CA LEU A 187 11.13 48.07 6.84
C LEU A 187 9.86 48.91 6.73
N LEU A 188 9.44 49.52 7.84
CA LEU A 188 8.27 50.37 7.84
C LEU A 188 8.66 51.78 7.41
N HIS A 189 7.74 52.74 7.62
CA HIS A 189 7.94 54.12 7.21
C HIS A 189 8.44 55.01 8.35
N ALA A 190 9.09 54.42 9.35
CA ALA A 190 9.64 55.13 10.49
C ALA A 190 11.16 55.07 10.47
N PRO A 191 11.84 55.98 11.18
CA PRO A 191 13.31 55.88 11.27
C PRO A 191 13.73 54.53 11.82
N ALA A 192 14.77 53.96 11.21
CA ALA A 192 15.22 52.63 11.59
C ALA A 192 15.72 52.61 13.03
N THR A 193 15.27 51.60 13.78
CA THR A 193 15.64 51.46 15.17
C THR A 193 16.65 50.34 15.42
N VAL A 194 16.56 49.23 14.69
CA VAL A 194 17.52 48.15 14.80
C VAL A 194 18.61 48.37 13.75
N CYS A 195 19.86 48.42 14.19
CA CYS A 195 20.98 48.61 13.27
C CYS A 195 22.08 47.62 13.59
N GLY A 196 23.10 47.62 12.74
CA GLY A 196 24.26 46.77 12.93
C GLY A 196 25.49 47.58 13.29
N PRO A 197 26.60 46.90 13.59
CA PRO A 197 27.85 47.56 13.98
C PRO A 197 28.63 48.08 12.77
N GLU B 1 -25.13 7.34 7.23
CA GLU B 1 -24.22 6.25 6.94
C GLU B 1 -22.89 6.77 6.40
N VAL B 2 -21.80 6.35 7.03
CA VAL B 2 -20.46 6.79 6.68
C VAL B 2 -19.84 5.72 5.78
N GLN B 3 -19.62 6.06 4.51
CA GLN B 3 -19.01 5.14 3.57
C GLN B 3 -18.51 5.92 2.35
N LEU B 4 -17.85 5.20 1.44
CA LEU B 4 -17.28 5.77 0.23
C LEU B 4 -17.63 4.86 -0.94
N VAL B 5 -18.28 5.40 -1.96
CA VAL B 5 -18.68 4.65 -3.15
C VAL B 5 -17.81 5.11 -4.31
N GLU B 6 -17.03 4.20 -4.87
CA GLU B 6 -16.12 4.52 -5.96
C GLU B 6 -16.69 4.07 -7.30
N SER B 7 -16.18 4.67 -8.36
CA SER B 7 -16.58 4.35 -9.73
C SER B 7 -15.57 4.98 -10.69
N GLY B 8 -15.74 4.67 -11.97
CA GLY B 8 -14.98 5.30 -13.02
C GLY B 8 -13.82 4.49 -13.58
N GLY B 9 -13.60 3.28 -13.09
CA GLY B 9 -12.50 2.45 -13.55
C GLY B 9 -12.92 1.48 -14.63
N GLY B 10 -11.98 1.16 -15.52
CA GLY B 10 -12.24 0.24 -16.60
C GLY B 10 -11.01 -0.15 -17.39
N LEU B 11 -11.15 -0.24 -18.71
CA LEU B 11 -10.04 -0.61 -19.59
C LEU B 11 -9.49 0.64 -20.26
N ILE B 12 -8.16 0.80 -20.23
CA ILE B 12 -7.48 1.94 -20.83
C ILE B 12 -6.28 1.42 -21.61
N GLN B 13 -5.94 2.14 -22.68
CA GLN B 13 -4.71 1.86 -23.41
C GLN B 13 -3.54 2.59 -22.75
N PRO B 14 -2.32 2.06 -22.89
CA PRO B 14 -1.15 2.77 -22.35
C PRO B 14 -1.04 4.17 -22.94
N GLY B 15 -0.80 5.15 -22.07
CA GLY B 15 -0.80 6.54 -22.47
C GLY B 15 -2.15 7.22 -22.41
N GLY B 16 -3.21 6.49 -22.06
CA GLY B 16 -4.53 7.06 -21.97
C GLY B 16 -4.78 7.71 -20.61
N SER B 17 -6.03 8.15 -20.43
CA SER B 17 -6.44 8.85 -19.22
C SER B 17 -7.70 8.23 -18.66
N LEU B 18 -7.91 8.44 -17.36
CA LEU B 18 -9.08 7.91 -16.68
C LEU B 18 -9.28 8.67 -15.37
N ARG B 19 -10.53 8.99 -15.06
CA ARG B 19 -10.84 9.77 -13.86
C ARG B 19 -11.70 8.92 -12.93
N LEU B 20 -11.11 8.51 -11.81
CA LEU B 20 -11.82 7.75 -10.79
C LEU B 20 -12.53 8.70 -9.83
N SER B 21 -13.77 8.34 -9.46
CA SER B 21 -14.60 9.14 -8.57
C SER B 21 -14.88 8.35 -7.30
N CYS B 22 -15.02 9.08 -6.19
CA CYS B 22 -15.24 8.48 -4.86
C CYS B 22 -16.22 9.39 -4.12
N ALA B 23 -17.50 9.07 -4.21
CA ALA B 23 -18.53 9.84 -3.52
C ALA B 23 -18.57 9.45 -2.05
N ALA B 24 -18.47 10.45 -1.18
CA ALA B 24 -18.44 10.24 0.26
C ALA B 24 -19.83 10.42 0.87
N SER B 25 -20.07 9.70 1.96
CA SER B 25 -21.31 9.83 2.71
C SER B 25 -20.98 9.80 4.20
N GLY B 26 -21.48 10.78 4.94
CA GLY B 26 -21.22 10.90 6.36
C GLY B 26 -19.99 11.72 6.70
N ILE B 27 -19.01 11.77 5.80
CA ILE B 27 -17.79 12.54 6.02
C ILE B 27 -17.67 13.58 4.91
N THR B 28 -17.02 14.70 5.25
CA THR B 28 -16.84 15.80 4.31
C THR B 28 -15.43 15.71 3.73
N VAL B 29 -15.35 15.55 2.41
CA VAL B 29 -14.06 15.35 1.76
C VAL B 29 -13.15 16.56 1.97
N THR B 30 -13.73 17.76 1.97
CA THR B 30 -12.93 18.98 2.05
C THR B 30 -12.39 19.26 3.44
N SER B 31 -12.89 18.59 4.47
CA SER B 31 -12.41 18.77 5.83
C SER B 31 -11.68 17.53 6.35
N ASN B 32 -11.07 16.76 5.45
CA ASN B 32 -10.43 15.51 5.82
C ASN B 32 -9.21 15.26 4.94
N TYR B 33 -8.24 14.54 5.50
CA TYR B 33 -7.19 13.96 4.69
C TYR B 33 -7.79 12.81 3.87
N MET B 34 -7.71 12.91 2.55
CA MET B 34 -8.27 11.91 1.67
C MET B 34 -7.16 11.26 0.86
N SER B 35 -7.08 9.93 0.89
CA SER B 35 -6.01 9.20 0.27
C SER B 35 -6.54 8.26 -0.81
N TRP B 36 -5.79 8.13 -1.88
CA TRP B 36 -5.93 7.06 -2.86
C TRP B 36 -4.81 6.06 -2.63
N VAL B 37 -5.17 4.79 -2.54
CA VAL B 37 -4.23 3.69 -2.30
C VAL B 37 -4.56 2.58 -3.28
N ARG B 38 -3.55 2.08 -4.00
CA ARG B 38 -3.79 1.04 -4.99
C ARG B 38 -3.15 -0.28 -4.57
N GLN B 39 -3.68 -1.36 -5.13
CA GLN B 39 -3.15 -2.71 -4.90
C GLN B 39 -3.06 -3.42 -6.24
N ALA B 40 -1.85 -3.73 -6.66
CA ALA B 40 -1.63 -4.46 -7.90
C ALA B 40 -2.09 -5.91 -7.73
N PRO B 41 -2.40 -6.59 -8.83
CA PRO B 41 -2.85 -7.99 -8.73
C PRO B 41 -1.81 -8.85 -8.02
N GLY B 42 -2.25 -9.53 -6.95
CA GLY B 42 -1.38 -10.37 -6.17
C GLY B 42 -0.38 -9.64 -5.30
N LYS B 43 -0.30 -8.32 -5.39
CA LYS B 43 0.66 -7.53 -4.65
C LYS B 43 -0.02 -6.89 -3.43
N GLY B 44 0.74 -6.08 -2.71
CA GLY B 44 0.27 -5.46 -1.49
C GLY B 44 -0.30 -4.07 -1.72
N LEU B 45 -0.53 -3.37 -0.61
CA LEU B 45 -1.12 -2.04 -0.65
C LEU B 45 -0.04 -1.00 -0.91
N GLU B 46 -0.32 -0.08 -1.83
CA GLU B 46 0.60 1.00 -2.17
C GLU B 46 -0.14 2.32 -2.08
N TRP B 47 0.38 3.23 -1.26
CA TRP B 47 -0.18 4.57 -1.19
C TRP B 47 0.08 5.31 -2.49
N VAL B 48 -0.95 5.94 -3.04
CA VAL B 48 -0.87 6.65 -4.30
C VAL B 48 -0.83 8.16 -4.09
N SER B 49 -1.84 8.71 -3.43
CA SER B 49 -1.94 10.16 -3.31
C SER B 49 -2.71 10.54 -2.07
N VAL B 50 -2.55 11.80 -1.65
CA VAL B 50 -3.29 12.35 -0.52
C VAL B 50 -3.59 13.82 -0.80
N ILE B 51 -4.74 14.27 -0.31
CA ILE B 51 -5.11 15.68 -0.30
C ILE B 51 -5.47 16.07 1.13
N TYR B 52 -4.86 17.13 1.62
CA TYR B 52 -5.09 17.61 2.97
C TYR B 52 -6.41 18.36 3.05
N PRO B 53 -6.95 18.54 4.25
CA PRO B 53 -8.17 19.37 4.38
C PRO B 53 -7.99 20.77 3.85
N GLY B 54 -6.80 21.34 3.96
CA GLY B 54 -6.54 22.67 3.45
C GLY B 54 -6.32 22.76 1.96
N GLY B 55 -6.20 21.62 1.28
CA GLY B 55 -6.04 21.59 -0.16
C GLY B 55 -4.66 21.17 -0.64
N SER B 56 -3.69 21.00 0.26
CA SER B 56 -2.37 20.56 -0.14
C SER B 56 -2.42 19.13 -0.66
N THR B 57 -1.73 18.88 -1.76
CA THR B 57 -1.73 17.56 -2.41
C THR B 57 -0.33 16.99 -2.42
N PHE B 58 -0.23 15.68 -2.17
CA PHE B 58 1.03 14.96 -2.22
C PHE B 58 0.83 13.66 -2.97
N TYR B 59 1.86 13.25 -3.70
CA TYR B 59 1.78 12.11 -4.59
C TYR B 59 2.99 11.20 -4.40
N ALA B 60 2.78 9.91 -4.65
CA ALA B 60 3.89 8.96 -4.67
C ALA B 60 4.77 9.22 -5.88
N ASP B 61 6.05 8.87 -5.75
CA ASP B 61 7.02 9.16 -6.81
C ASP B 61 6.63 8.50 -8.12
N SER B 62 6.01 7.32 -8.07
CA SER B 62 5.70 6.58 -9.29
C SER B 62 4.54 7.18 -10.08
N VAL B 63 3.84 8.18 -9.52
CA VAL B 63 2.69 8.77 -10.19
C VAL B 63 2.80 10.28 -10.33
N LYS B 64 3.91 10.88 -9.89
CA LYS B 64 4.06 12.34 -9.99
C LYS B 64 4.06 12.77 -11.45
N GLY B 65 3.45 13.93 -11.71
CA GLY B 65 3.30 14.43 -13.06
C GLY B 65 2.27 13.72 -13.90
N ARG B 66 1.78 12.56 -13.47
CA ARG B 66 0.77 11.81 -14.19
C ARG B 66 -0.57 11.73 -13.46
N PHE B 67 -0.55 11.80 -12.13
CA PHE B 67 -1.75 11.68 -11.32
C PHE B 67 -2.06 13.02 -10.66
N THR B 68 -3.34 13.35 -10.59
CA THR B 68 -3.79 14.57 -9.91
C THR B 68 -5.02 14.24 -9.07
N ILE B 69 -4.91 14.45 -7.77
CA ILE B 69 -6.03 14.24 -6.86
C ILE B 69 -6.76 15.56 -6.70
N SER B 70 -8.08 15.50 -6.56
CA SER B 70 -8.90 16.69 -6.40
C SER B 70 -10.17 16.33 -5.65
N ARG B 71 -11.04 17.31 -5.47
CA ARG B 71 -12.29 17.07 -4.75
C ARG B 71 -13.32 18.11 -5.16
N ASP B 72 -14.57 17.79 -4.90
CA ASP B 72 -15.70 18.66 -5.18
C ASP B 72 -16.61 18.66 -3.96
N ASN B 73 -16.72 19.83 -3.30
CA ASN B 73 -17.55 19.93 -2.10
C ASN B 73 -19.03 19.97 -2.43
N SER B 74 -19.40 20.55 -3.58
CA SER B 74 -20.79 20.61 -3.97
C SER B 74 -21.39 19.21 -4.13
N LYS B 75 -20.58 18.25 -4.58
CA LYS B 75 -21.01 16.87 -4.68
C LYS B 75 -20.35 15.97 -3.64
N ASN B 76 -19.43 16.51 -2.84
CA ASN B 76 -18.77 15.76 -1.76
C ASN B 76 -18.09 14.50 -2.30
N THR B 77 -17.27 14.69 -3.34
CA THR B 77 -16.64 13.58 -4.03
C THR B 77 -15.15 13.84 -4.20
N LEU B 78 -14.35 12.82 -3.91
CA LEU B 78 -12.93 12.82 -4.22
C LEU B 78 -12.70 12.32 -5.64
N TYR B 79 -11.65 12.80 -6.28
CA TYR B 79 -11.34 12.45 -7.66
C TYR B 79 -9.86 12.16 -7.81
N LEU B 80 -9.56 11.21 -8.68
CA LEU B 80 -8.18 10.90 -9.08
C LEU B 80 -8.13 10.87 -10.60
N GLN B 81 -7.44 11.83 -11.19
CA GLN B 81 -7.25 11.89 -12.64
C GLN B 81 -5.89 11.26 -12.97
N MET B 82 -5.90 10.25 -13.83
CA MET B 82 -4.70 9.52 -14.22
C MET B 82 -4.45 9.77 -15.70
N ASN B 83 -3.29 10.33 -16.02
CA ASN B 83 -2.86 10.53 -17.39
C ASN B 83 -1.54 9.80 -17.61
N SER B 84 -1.23 9.54 -18.88
CA SER B 84 -0.04 8.79 -19.26
C SER B 84 0.00 7.43 -18.55
N LEU B 85 -1.15 6.75 -18.56
CA LEU B 85 -1.29 5.49 -17.85
C LEU B 85 -0.34 4.44 -18.42
N ARG B 86 0.29 3.69 -17.52
CA ARG B 86 1.27 2.68 -17.88
C ARG B 86 0.76 1.30 -17.46
N ALA B 87 1.53 0.29 -17.85
CA ALA B 87 1.13 -1.09 -17.55
C ALA B 87 1.25 -1.41 -16.07
N GLU B 88 2.12 -0.72 -15.34
CA GLU B 88 2.25 -0.95 -13.91
C GLU B 88 1.13 -0.33 -13.09
N ASP B 89 0.29 0.50 -13.71
CA ASP B 89 -0.81 1.14 -13.00
C ASP B 89 -2.06 0.26 -12.91
N THR B 90 -2.06 -0.90 -13.55
CA THR B 90 -3.19 -1.82 -13.43
C THR B 90 -3.30 -2.30 -12.00
N ALA B 91 -4.40 -1.96 -11.34
CA ALA B 91 -4.57 -2.27 -9.93
C ALA B 91 -6.00 -1.99 -9.51
N VAL B 92 -6.35 -2.46 -8.32
CA VAL B 92 -7.58 -2.05 -7.66
C VAL B 92 -7.27 -0.80 -6.85
N TYR B 93 -7.99 0.28 -7.13
CA TYR B 93 -7.77 1.56 -6.46
C TYR B 93 -8.87 1.79 -5.42
N TYR B 94 -8.46 2.08 -4.19
CA TYR B 94 -9.36 2.43 -3.11
C TYR B 94 -9.17 3.89 -2.73
N CYS B 95 -10.27 4.51 -2.32
CA CYS B 95 -10.23 5.80 -1.63
C CYS B 95 -10.49 5.56 -0.15
N ALA B 96 -9.78 6.31 0.69
CA ALA B 96 -9.91 6.14 2.12
C ALA B 96 -9.75 7.48 2.81
N ARG B 97 -10.36 7.60 3.98
CA ARG B 97 -10.19 8.78 4.81
C ARG B 97 -9.08 8.50 5.83
N ASP B 98 -8.02 9.29 5.78
CA ASP B 98 -6.89 9.14 6.66
C ASP B 98 -7.07 10.06 7.86
N LEU B 99 -7.20 9.47 9.05
CA LEU B 99 -7.24 10.24 10.28
C LEU B 99 -5.85 10.44 10.89
N VAL B 100 -4.80 10.04 10.17
CA VAL B 100 -3.42 10.21 10.61
C VAL B 100 -3.20 9.50 11.94
N VAL B 101 -3.68 10.10 13.03
CA VAL B 101 -3.45 9.52 14.34
C VAL B 101 -4.42 8.37 14.63
N TYR B 102 -5.58 8.36 14.00
CA TYR B 102 -6.60 7.35 14.26
C TYR B 102 -6.77 6.38 13.08
N GLY B 103 -5.73 6.24 12.26
CA GLY B 103 -5.74 5.27 11.19
C GLY B 103 -6.68 5.58 10.05
N MET B 104 -6.55 4.86 8.94
CA MET B 104 -7.44 4.99 7.80
C MET B 104 -8.67 4.13 8.07
N ASP B 105 -9.72 4.75 8.60
CA ASP B 105 -10.88 4.00 9.09
C ASP B 105 -11.92 3.72 8.02
N VAL B 106 -12.26 4.71 7.20
CA VAL B 106 -13.31 4.58 6.21
C VAL B 106 -12.68 4.32 4.85
N TRP B 107 -13.06 3.22 4.22
CA TRP B 107 -12.58 2.83 2.91
C TRP B 107 -13.74 2.72 1.93
N GLY B 108 -13.40 2.73 0.64
CA GLY B 108 -14.36 2.41 -0.39
C GLY B 108 -14.36 0.93 -0.72
N GLN B 109 -15.10 0.58 -1.77
CA GLN B 109 -15.12 -0.80 -2.23
C GLN B 109 -14.07 -1.10 -3.28
N GLY B 110 -13.38 -0.07 -3.78
CA GLY B 110 -12.35 -0.27 -4.77
C GLY B 110 -12.88 -0.33 -6.19
N THR B 111 -12.10 0.16 -7.14
CA THR B 111 -12.45 0.09 -8.56
C THR B 111 -11.24 -0.39 -9.34
N THR B 112 -11.47 -1.28 -10.29
CA THR B 112 -10.39 -1.92 -11.02
C THR B 112 -9.98 -1.07 -12.22
N VAL B 113 -8.68 -0.92 -12.42
CA VAL B 113 -8.12 -0.22 -13.56
C VAL B 113 -7.15 -1.15 -14.26
N THR B 114 -7.46 -1.49 -15.51
CA THR B 114 -6.61 -2.33 -16.34
C THR B 114 -6.09 -1.51 -17.51
N VAL B 115 -4.77 -1.51 -17.68
CA VAL B 115 -4.10 -0.72 -18.71
C VAL B 115 -3.29 -1.67 -19.58
N SER B 116 -3.74 -1.88 -20.81
CA SER B 116 -3.01 -2.74 -21.74
C SER B 116 -3.44 -2.37 -23.16
N SER B 117 -2.54 -2.63 -24.10
CA SER B 117 -2.80 -2.40 -25.52
C SER B 117 -3.18 -3.73 -26.15
N ALA B 118 -4.48 -4.05 -26.13
CA ALA B 118 -4.95 -5.45 -26.26
C ALA B 118 -6.45 -5.44 -26.55
N SER B 119 -6.86 -6.16 -27.58
CA SER B 119 -8.24 -6.16 -28.05
C SER B 119 -9.01 -7.36 -27.48
N THR B 120 -10.32 -7.19 -27.41
CA THR B 120 -11.19 -8.26 -26.92
C THR B 120 -11.05 -9.49 -27.80
N LYS B 121 -10.65 -10.61 -27.19
CA LYS B 121 -10.40 -11.84 -27.91
C LYS B 121 -11.01 -13.01 -27.16
N GLY B 122 -11.65 -13.91 -27.91
CA GLY B 122 -12.22 -15.10 -27.33
C GLY B 122 -11.14 -16.12 -27.01
N PRO B 123 -11.44 -17.02 -26.08
CA PRO B 123 -10.45 -18.01 -25.65
C PRO B 123 -10.40 -19.23 -26.56
N SER B 124 -9.23 -19.86 -26.60
CA SER B 124 -9.04 -21.16 -27.21
C SER B 124 -9.03 -22.20 -26.12
N VAL B 125 -9.97 -23.14 -26.18
CA VAL B 125 -10.12 -24.17 -25.14
C VAL B 125 -9.49 -25.45 -25.67
N PHE B 126 -8.38 -25.85 -25.08
CA PHE B 126 -7.70 -27.08 -25.45
C PHE B 126 -7.85 -28.12 -24.35
N PRO B 127 -7.87 -29.40 -24.69
CA PRO B 127 -7.97 -30.43 -23.66
C PRO B 127 -6.62 -30.78 -23.07
N LEU B 128 -6.64 -31.14 -21.79
CA LEU B 128 -5.49 -31.69 -21.07
C LEU B 128 -5.90 -33.12 -20.73
N ALA B 129 -5.49 -34.05 -21.60
CA ALA B 129 -5.96 -35.43 -21.58
C ALA B 129 -5.25 -36.23 -20.50
N PRO B 130 -5.95 -37.17 -19.85
CA PRO B 130 -5.33 -37.95 -18.78
C PRO B 130 -4.28 -38.91 -19.32
N SER B 131 -3.34 -39.26 -18.45
CA SER B 131 -2.27 -40.17 -18.82
C SER B 131 -2.81 -41.55 -19.15
N SER B 132 -2.04 -42.30 -19.95
CA SER B 132 -2.41 -43.66 -20.29
C SER B 132 -2.04 -44.64 -19.19
N LYS B 133 -1.01 -44.32 -18.40
CA LYS B 133 -0.60 -45.21 -17.31
C LYS B 133 -1.44 -44.96 -16.06
N SER B 134 -1.54 -43.69 -15.63
CA SER B 134 -2.37 -43.29 -14.50
C SER B 134 -1.93 -44.01 -13.22
N THR B 135 -0.71 -43.71 -12.79
CA THR B 135 -0.18 -44.28 -11.56
C THR B 135 -0.85 -43.64 -10.36
N GLY B 138 -4.21 -44.71 -8.51
CA GLY B 138 -5.58 -45.01 -8.87
C GLY B 138 -6.42 -43.77 -9.10
N THR B 139 -5.75 -42.65 -9.36
CA THR B 139 -6.41 -41.37 -9.61
C THR B 139 -5.89 -40.79 -10.92
N ALA B 140 -6.81 -40.27 -11.73
CA ALA B 140 -6.45 -39.64 -13.00
C ALA B 140 -6.81 -38.17 -12.94
N ALA B 141 -6.01 -37.35 -13.64
CA ALA B 141 -6.26 -35.92 -13.73
C ALA B 141 -6.53 -35.55 -15.18
N LEU B 142 -7.52 -34.69 -15.39
CA LEU B 142 -7.85 -34.22 -16.73
C LEU B 142 -8.36 -32.79 -16.61
N GLY B 143 -8.13 -31.99 -17.64
CA GLY B 143 -8.49 -30.60 -17.52
C GLY B 143 -8.69 -29.90 -18.84
N CYS B 144 -8.84 -28.58 -18.75
CA CYS B 144 -9.02 -27.69 -19.88
C CYS B 144 -8.05 -26.52 -19.76
N LEU B 145 -7.52 -26.09 -20.90
CA LEU B 145 -6.61 -24.95 -21.00
C LEU B 145 -7.33 -23.86 -21.77
N VAL B 146 -7.61 -22.75 -21.09
CA VAL B 146 -8.35 -21.62 -21.66
C VAL B 146 -7.29 -20.56 -21.97
N LYS B 147 -6.80 -20.56 -23.21
CA LYS B 147 -5.62 -19.79 -23.57
C LYS B 147 -5.99 -18.61 -24.47
N ASP B 148 -5.23 -17.52 -24.31
CA ASP B 148 -5.23 -16.43 -25.29
C ASP B 148 -6.60 -15.75 -25.37
N TYR B 149 -7.09 -15.31 -24.22
CA TYR B 149 -8.32 -14.53 -24.16
C TYR B 149 -8.06 -13.19 -23.48
N PHE B 150 -8.98 -12.25 -23.71
CA PHE B 150 -8.91 -10.92 -23.13
C PHE B 150 -10.25 -10.23 -23.30
N PRO B 151 -10.75 -9.52 -22.28
CA PRO B 151 -10.15 -9.35 -20.94
C PRO B 151 -10.70 -10.35 -19.93
N GLU B 152 -10.46 -10.08 -18.65
CA GLU B 152 -11.04 -10.90 -17.60
C GLU B 152 -12.55 -10.70 -17.54
N PRO B 153 -13.30 -11.69 -17.06
CA PRO B 153 -12.88 -13.03 -16.68
C PRO B 153 -13.46 -14.12 -17.58
N VAL B 154 -13.15 -15.38 -17.27
CA VAL B 154 -13.80 -16.52 -17.90
C VAL B 154 -14.34 -17.41 -16.78
N THR B 155 -15.48 -18.04 -17.05
CA THR B 155 -16.10 -18.96 -16.08
C THR B 155 -15.99 -20.38 -16.62
N VAL B 156 -15.48 -21.28 -15.80
CA VAL B 156 -15.29 -22.67 -16.18
C VAL B 156 -16.09 -23.56 -15.24
N SER B 157 -16.92 -24.42 -15.81
CA SER B 157 -17.64 -25.44 -15.07
C SER B 157 -17.32 -26.80 -15.69
N TRP B 158 -17.74 -27.87 -15.01
CA TRP B 158 -17.50 -29.22 -15.49
C TRP B 158 -18.82 -29.98 -15.54
N ASN B 159 -19.11 -30.58 -16.70
CA ASN B 159 -20.36 -31.30 -16.94
C ASN B 159 -21.57 -30.41 -16.67
N SER B 160 -21.48 -29.15 -17.11
CA SER B 160 -22.54 -28.17 -16.92
C SER B 160 -22.90 -28.03 -15.45
N GLY B 161 -21.89 -27.97 -14.59
CA GLY B 161 -22.09 -27.83 -13.16
C GLY B 161 -22.32 -29.12 -12.41
N ALA B 162 -22.40 -30.26 -13.10
CA ALA B 162 -22.66 -31.52 -12.41
C ALA B 162 -21.44 -31.99 -11.61
N LEU B 163 -20.24 -31.69 -12.09
CA LEU B 163 -19.01 -32.15 -11.46
C LEU B 163 -18.36 -30.99 -10.71
N THR B 164 -18.36 -31.06 -9.39
CA THR B 164 -17.76 -30.04 -8.54
C THR B 164 -16.64 -30.57 -7.67
N SER B 165 -16.76 -31.78 -7.14
CA SER B 165 -15.74 -32.33 -6.25
C SER B 165 -14.46 -32.61 -7.03
N GLY B 166 -13.32 -32.21 -6.45
CA GLY B 166 -12.04 -32.44 -7.07
C GLY B 166 -11.67 -31.46 -8.17
N VAL B 167 -12.44 -30.39 -8.35
CA VAL B 167 -12.20 -29.42 -9.40
C VAL B 167 -11.31 -28.30 -8.86
N HIS B 168 -10.32 -27.90 -9.66
CA HIS B 168 -9.44 -26.77 -9.32
C HIS B 168 -9.34 -25.88 -10.54
N THR B 169 -9.95 -24.70 -10.47
CA THR B 169 -9.81 -23.68 -11.50
C THR B 169 -8.75 -22.68 -11.05
N PHE B 170 -7.65 -22.61 -11.79
CA PHE B 170 -6.50 -21.82 -11.37
C PHE B 170 -6.64 -20.37 -11.80
N PRO B 171 -6.10 -19.45 -11.00
CA PRO B 171 -6.09 -18.04 -11.40
C PRO B 171 -5.33 -17.83 -12.71
N ALA B 172 -5.87 -16.96 -13.55
CA ALA B 172 -5.30 -16.74 -14.87
C ALA B 172 -3.95 -16.05 -14.76
N VAL B 173 -3.07 -16.33 -15.72
CA VAL B 173 -1.78 -15.66 -15.83
C VAL B 173 -1.86 -14.72 -17.03
N LEU B 174 -1.04 -13.68 -17.00
CA LEU B 174 -0.99 -12.69 -18.07
C LEU B 174 0.26 -12.98 -18.92
N GLN B 175 0.05 -13.51 -20.11
CA GLN B 175 1.15 -13.85 -20.99
C GLN B 175 1.78 -12.59 -21.57
N SER B 176 3.02 -12.74 -22.04
CA SER B 176 3.75 -11.60 -22.61
C SER B 176 3.03 -11.01 -23.81
N SER B 177 2.19 -11.79 -24.48
CA SER B 177 1.40 -11.29 -25.61
C SER B 177 0.32 -10.31 -25.18
N GLY B 178 0.10 -10.14 -23.88
CA GLY B 178 -0.98 -9.30 -23.38
C GLY B 178 -2.28 -10.03 -23.17
N LEU B 179 -2.36 -11.31 -23.49
CA LEU B 179 -3.57 -12.10 -23.33
C LEU B 179 -3.46 -12.97 -22.07
N TYR B 180 -4.62 -13.39 -21.58
CA TYR B 180 -4.70 -14.19 -20.37
C TYR B 180 -4.78 -15.68 -20.70
N SER B 181 -4.28 -16.48 -19.76
CA SER B 181 -4.28 -17.93 -19.92
C SER B 181 -4.63 -18.56 -18.57
N LEU B 182 -5.60 -19.47 -18.59
CA LEU B 182 -6.13 -20.10 -17.40
C LEU B 182 -6.19 -21.61 -17.63
N SER B 183 -6.31 -22.36 -16.54
CA SER B 183 -6.50 -23.80 -16.66
C SER B 183 -7.41 -24.27 -15.54
N SER B 184 -8.17 -25.33 -15.82
CA SER B 184 -9.08 -25.91 -14.84
C SER B 184 -8.95 -27.42 -14.91
N VAL B 185 -8.56 -28.04 -13.81
CA VAL B 185 -8.32 -29.48 -13.77
C VAL B 185 -9.34 -30.14 -12.84
N VAL B 186 -9.41 -31.47 -12.93
CA VAL B 186 -10.25 -32.26 -12.04
C VAL B 186 -9.64 -33.65 -11.95
N THR B 187 -9.70 -34.23 -10.76
CA THR B 187 -9.21 -35.59 -10.50
C THR B 187 -10.39 -36.52 -10.33
N VAL B 188 -10.35 -37.66 -11.03
CA VAL B 188 -11.41 -38.65 -10.99
C VAL B 188 -10.79 -40.01 -10.71
N PRO B 189 -11.60 -40.99 -10.31
CA PRO B 189 -11.10 -42.37 -10.25
C PRO B 189 -10.68 -42.83 -11.64
N SER B 190 -9.59 -43.60 -11.68
CA SER B 190 -9.11 -44.13 -12.96
C SER B 190 -10.13 -45.05 -13.61
N SER B 191 -10.95 -45.72 -12.81
CA SER B 191 -11.95 -46.64 -13.37
C SER B 191 -13.05 -45.91 -14.12
N SER B 192 -13.24 -44.61 -13.87
CA SER B 192 -14.34 -43.86 -14.47
C SER B 192 -13.99 -43.22 -15.81
N LEU B 193 -12.73 -43.33 -16.26
CA LEU B 193 -12.35 -42.73 -17.53
C LEU B 193 -13.04 -43.40 -18.70
N GLY B 194 -13.17 -44.73 -18.66
CA GLY B 194 -13.77 -45.44 -19.78
C GLY B 194 -15.27 -45.34 -19.85
N THR B 195 -15.93 -45.17 -18.71
CA THR B 195 -17.38 -45.08 -18.65
C THR B 195 -17.88 -43.64 -18.66
N GLN B 196 -17.43 -42.84 -17.70
CA GLN B 196 -17.90 -41.47 -17.57
C GLN B 196 -17.24 -40.57 -18.60
N THR B 197 -18.01 -39.62 -19.13
CA THR B 197 -17.52 -38.62 -20.06
C THR B 197 -17.45 -37.27 -19.36
N TYR B 198 -16.40 -36.51 -19.65
CA TYR B 198 -16.14 -35.23 -18.99
C TYR B 198 -16.06 -34.12 -20.03
N ILE B 199 -16.84 -33.07 -19.82
CA ILE B 199 -16.87 -31.90 -20.71
C ILE B 199 -16.72 -30.65 -19.86
N CYS B 200 -15.76 -29.81 -20.21
CA CYS B 200 -15.59 -28.52 -19.55
C CYS B 200 -16.33 -27.45 -20.34
N ASN B 201 -17.03 -26.58 -19.61
CA ASN B 201 -17.83 -25.51 -20.18
C ASN B 201 -17.17 -24.19 -19.83
N VAL B 202 -16.63 -23.51 -20.83
CA VAL B 202 -15.97 -22.22 -20.67
C VAL B 202 -16.88 -21.14 -21.25
N ASN B 203 -17.06 -20.06 -20.49
CA ASN B 203 -17.91 -18.95 -20.91
C ASN B 203 -17.12 -17.66 -20.77
N HIS B 204 -16.99 -16.93 -21.87
CA HIS B 204 -16.33 -15.63 -21.91
C HIS B 204 -17.36 -14.62 -22.39
N LYS B 205 -17.94 -13.89 -21.43
CA LYS B 205 -18.98 -12.90 -21.71
C LYS B 205 -18.47 -11.71 -22.51
N PRO B 206 -17.26 -11.18 -22.26
CA PRO B 206 -16.78 -10.05 -23.07
C PRO B 206 -16.77 -10.32 -24.57
N SER B 207 -16.70 -11.58 -25.00
CA SER B 207 -16.75 -11.91 -26.42
C SER B 207 -17.95 -12.77 -26.78
N ASN B 208 -18.85 -13.03 -25.82
CA ASN B 208 -20.02 -13.89 -26.04
C ASN B 208 -19.60 -15.23 -26.62
N THR B 209 -18.67 -15.89 -25.95
CA THR B 209 -18.08 -17.14 -26.43
C THR B 209 -18.37 -18.24 -25.43
N LYS B 210 -19.22 -19.19 -25.81
CA LYS B 210 -19.47 -20.39 -25.02
C LYS B 210 -18.84 -21.59 -25.73
N VAL B 211 -18.05 -22.35 -24.98
CA VAL B 211 -17.35 -23.51 -25.52
C VAL B 211 -17.60 -24.70 -24.60
N ASP B 212 -17.95 -25.83 -25.18
CA ASP B 212 -18.13 -27.09 -24.46
C ASP B 212 -17.14 -28.09 -25.04
N LYS B 213 -16.05 -28.33 -24.33
CA LYS B 213 -14.96 -29.16 -24.84
C LYS B 213 -14.94 -30.49 -24.09
N ARG B 214 -15.05 -31.58 -24.85
CA ARG B 214 -14.95 -32.92 -24.28
C ARG B 214 -13.49 -33.30 -24.09
N VAL B 215 -13.14 -33.74 -22.89
CA VAL B 215 -11.79 -34.19 -22.57
C VAL B 215 -11.83 -35.70 -22.39
N GLU B 216 -11.06 -36.40 -23.21
CA GLU B 216 -11.07 -37.85 -23.26
C GLU B 216 -9.64 -38.36 -23.38
N PRO B 217 -9.37 -39.59 -22.94
CA PRO B 217 -8.02 -40.14 -23.08
C PRO B 217 -7.60 -40.20 -24.54
N LYS B 218 -6.38 -39.73 -24.82
CA LYS B 218 -5.87 -39.66 -26.18
C LYS B 218 -5.11 -40.93 -26.52
N SER B 219 -5.29 -41.40 -27.76
CA SER B 219 -4.58 -42.57 -28.25
C SER B 219 -4.48 -42.54 -29.77
N GLU C 1 12.69 7.85 3.60
CA GLU C 1 11.41 7.38 4.10
C GLU C 1 11.60 6.19 5.02
N ILE C 2 10.56 5.86 5.78
CA ILE C 2 10.58 4.73 6.71
C ILE C 2 10.16 3.48 5.96
N VAL C 3 10.72 2.34 6.34
CA VAL C 3 10.43 1.06 5.71
C VAL C 3 9.91 0.11 6.78
N LEU C 4 8.68 -0.36 6.60
CA LEU C 4 8.04 -1.29 7.53
C LEU C 4 8.11 -2.69 6.93
N THR C 5 8.69 -3.62 7.69
CA THR C 5 8.84 -5.01 7.27
C THR C 5 8.06 -5.89 8.21
N GLN C 6 7.15 -6.71 7.67
CA GLN C 6 6.31 -7.58 8.47
C GLN C 6 6.89 -8.99 8.50
N SER C 7 6.69 -9.66 9.64
CA SER C 7 7.21 -11.00 9.84
C SER C 7 6.23 -11.82 10.67
N PRO C 8 6.06 -13.11 10.33
CA PRO C 8 6.63 -13.79 9.17
C PRO C 8 5.83 -13.48 7.91
N GLY C 9 6.31 -13.85 6.73
CA GLY C 9 5.53 -13.65 5.53
C GLY C 9 4.24 -14.45 5.55
N THR C 10 4.30 -15.68 6.07
CA THR C 10 3.13 -16.54 6.22
C THR C 10 3.14 -17.14 7.61
N LEU C 11 1.98 -17.11 8.28
CA LEU C 11 1.81 -17.66 9.61
C LEU C 11 0.88 -18.86 9.52
N SER C 12 1.38 -20.03 9.89
CA SER C 12 0.63 -21.27 9.79
C SER C 12 0.16 -21.67 11.18
N LEU C 13 -1.14 -21.51 11.46
CA LEU C 13 -1.70 -21.77 12.77
C LEU C 13 -3.05 -22.45 12.62
N SER C 14 -3.57 -22.94 13.75
CA SER C 14 -4.86 -23.62 13.84
C SER C 14 -5.86 -22.73 14.58
N PRO C 15 -7.15 -22.88 14.29
CA PRO C 15 -8.15 -22.08 15.00
C PRO C 15 -8.11 -22.32 16.50
N GLY C 16 -8.10 -21.22 17.26
CA GLY C 16 -7.99 -21.27 18.70
C GLY C 16 -6.61 -20.97 19.23
N GLU C 17 -5.60 -20.99 18.36
CA GLU C 17 -4.23 -20.69 18.77
C GLU C 17 -4.01 -19.18 18.78
N ARG C 18 -2.81 -18.77 19.18
CA ARG C 18 -2.46 -17.36 19.31
C ARG C 18 -1.55 -16.95 18.16
N ALA C 19 -1.93 -15.91 17.46
CA ALA C 19 -1.16 -15.37 16.34
C ALA C 19 -0.42 -14.12 16.79
N THR C 20 0.87 -14.02 16.45
CA THR C 20 1.70 -12.89 16.80
C THR C 20 2.43 -12.41 15.55
N LEU C 21 2.02 -11.26 15.03
CA LEU C 21 2.57 -10.70 13.81
C LEU C 21 3.43 -9.48 14.16
N SER C 22 4.65 -9.45 13.64
CA SER C 22 5.59 -8.38 13.96
C SER C 22 5.73 -7.42 12.79
N CYS C 23 5.94 -6.15 13.10
CA CYS C 23 6.14 -5.07 12.14
C CYS C 23 7.33 -4.26 12.63
N ARG C 24 8.42 -4.30 11.87
CA ARG C 24 9.67 -3.67 12.27
C ARG C 24 9.98 -2.50 11.35
N ALA C 25 10.25 -1.35 11.95
CA ALA C 25 10.52 -0.12 11.21
C ALA C 25 12.02 0.13 11.10
N SER C 26 12.42 0.75 10.00
CA SER C 26 13.83 1.05 9.79
C SER C 26 14.32 2.17 10.71
N GLN C 27 13.42 3.06 11.12
CA GLN C 27 13.74 4.12 12.07
C GLN C 27 12.69 4.14 13.17
N SER C 28 13.09 4.67 14.33
CA SER C 28 12.16 4.78 15.45
C SER C 28 11.06 5.77 15.12
N VAL C 29 9.81 5.28 15.09
CA VAL C 29 8.66 6.08 14.72
C VAL C 29 7.74 6.23 15.93
N SER C 30 7.16 7.42 16.08
CA SER C 30 6.14 7.65 17.09
C SER C 30 5.01 6.62 16.93
N SER C 31 4.64 6.00 18.05
CA SER C 31 3.62 4.95 18.02
C SER C 31 2.22 5.49 17.78
N SER C 32 2.03 6.81 17.72
CA SER C 32 0.71 7.37 17.47
C SER C 32 0.28 7.20 16.02
N TYR C 33 1.21 6.97 15.11
CA TYR C 33 0.93 6.96 13.68
C TYR C 33 0.86 5.58 13.06
N LEU C 34 1.01 4.51 13.84
CA LEU C 34 1.05 3.15 13.31
C LEU C 34 -0.32 2.49 13.46
N ALA C 35 -0.75 1.81 12.39
CA ALA C 35 -2.04 1.16 12.34
C ALA C 35 -1.92 -0.24 11.77
N TRP C 36 -2.84 -1.10 12.18
CA TRP C 36 -2.93 -2.47 11.70
C TRP C 36 -4.27 -2.64 10.99
N TYR C 37 -4.22 -3.15 9.76
CA TYR C 37 -5.38 -3.38 8.92
C TYR C 37 -5.46 -4.86 8.54
N GLN C 38 -6.68 -5.36 8.42
CA GLN C 38 -6.96 -6.71 7.95
C GLN C 38 -7.60 -6.63 6.56
N GLN C 39 -7.27 -7.60 5.71
CA GLN C 39 -7.85 -7.67 4.38
C GLN C 39 -8.11 -9.13 4.03
N LYS C 40 -9.35 -9.41 3.63
CA LYS C 40 -9.78 -10.70 3.10
C LYS C 40 -9.78 -10.66 1.57
N PRO C 41 -9.68 -11.81 0.91
CA PRO C 41 -9.69 -11.82 -0.56
C PRO C 41 -10.98 -11.23 -1.11
N GLY C 42 -10.84 -10.31 -2.06
CA GLY C 42 -11.97 -9.67 -2.69
C GLY C 42 -12.60 -8.55 -1.89
N GLN C 43 -12.07 -8.21 -0.73
CA GLN C 43 -12.61 -7.16 0.12
C GLN C 43 -11.60 -6.02 0.25
N ALA C 44 -12.09 -4.89 0.74
CA ALA C 44 -11.24 -3.74 1.02
C ALA C 44 -10.56 -3.92 2.36
N PRO C 45 -9.44 -3.23 2.58
CA PRO C 45 -8.80 -3.27 3.90
C PRO C 45 -9.74 -2.80 4.99
N ARG C 46 -9.51 -3.30 6.20
CA ARG C 46 -10.35 -3.01 7.35
C ARG C 46 -9.47 -2.62 8.52
N LEU C 47 -9.66 -1.40 9.03
CA LEU C 47 -8.85 -0.91 10.14
C LEU C 47 -9.10 -1.73 11.40
N LEU C 48 -8.05 -2.35 11.92
CA LEU C 48 -8.12 -3.09 13.18
C LEU C 48 -7.63 -2.26 14.36
N ILE C 49 -6.39 -1.79 14.29
CA ILE C 49 -5.77 -1.09 15.40
C ILE C 49 -5.26 0.25 14.90
N TYR C 50 -5.47 1.30 15.69
CA TYR C 50 -4.89 2.61 15.43
C TYR C 50 -4.10 3.06 16.65
N GLY C 51 -3.16 3.97 16.42
CA GLY C 51 -2.30 4.43 17.50
C GLY C 51 -1.57 3.31 18.21
N ALA C 52 -1.03 2.36 17.43
CA ALA C 52 -0.25 1.23 17.93
C ALA C 52 -1.08 0.23 18.74
N SER C 53 -1.86 0.72 19.71
CA SER C 53 -2.50 -0.16 20.68
C SER C 53 -4.01 0.01 20.82
N SER C 54 -4.61 0.98 20.14
CA SER C 54 -6.03 1.28 20.32
C SER C 54 -6.86 0.54 19.28
N ARG C 55 -7.86 -0.19 19.74
CA ARG C 55 -8.76 -0.92 18.86
C ARG C 55 -9.79 0.02 18.25
N ALA C 56 -10.07 -0.18 16.97
CA ALA C 56 -11.13 0.57 16.31
C ALA C 56 -12.49 0.07 16.77
N THR C 57 -13.53 0.83 16.43
CA THR C 57 -14.88 0.45 16.81
C THR C 57 -15.33 -0.78 16.05
N GLY C 58 -15.79 -1.79 16.78
CA GLY C 58 -16.26 -3.02 16.16
C GLY C 58 -15.19 -4.07 15.97
N ILE C 59 -14.15 -4.07 16.78
CA ILE C 59 -13.06 -5.03 16.71
C ILE C 59 -13.08 -5.89 17.96
N PRO C 60 -13.11 -7.22 17.85
CA PRO C 60 -13.15 -8.06 19.04
C PRO C 60 -11.91 -7.89 19.90
N GLY C 61 -12.06 -8.24 21.18
CA GLY C 61 -10.97 -8.12 22.13
C GLY C 61 -9.80 -9.04 21.87
N ARG C 62 -9.96 -10.04 20.99
CA ARG C 62 -8.86 -10.94 20.71
C ARG C 62 -7.75 -10.24 19.92
N PHE C 63 -8.09 -9.20 19.19
CA PHE C 63 -7.07 -8.37 18.52
C PHE C 63 -6.51 -7.36 19.51
N SER C 64 -5.19 -7.25 19.56
CA SER C 64 -4.59 -6.19 20.37
C SER C 64 -3.20 -5.87 19.84
N GLY C 65 -2.89 -4.59 19.77
CA GLY C 65 -1.59 -4.13 19.32
C GLY C 65 -0.74 -3.65 20.48
N SER C 66 0.57 -3.75 20.30
CA SER C 66 1.51 -3.32 21.32
C SER C 66 2.85 -3.03 20.64
N GLY C 67 3.80 -2.54 21.41
CA GLY C 67 5.13 -2.22 20.92
C GLY C 67 5.34 -0.73 20.75
N SER C 68 6.55 -0.38 20.33
CA SER C 68 6.96 1.02 20.17
C SER C 68 8.30 1.03 19.44
N GLY C 69 8.85 2.24 19.30
CA GLY C 69 10.15 2.42 18.68
C GLY C 69 10.24 1.88 17.27
N THR C 70 10.92 0.74 17.12
CA THR C 70 11.06 0.09 15.83
C THR C 70 10.40 -1.28 15.77
N ASP C 71 9.74 -1.72 16.84
CA ASP C 71 9.10 -3.04 16.87
C ASP C 71 7.67 -2.89 17.36
N PHE C 72 6.70 -3.27 16.52
CA PHE C 72 5.30 -3.30 16.88
C PHE C 72 4.78 -4.71 16.63
N THR C 73 3.71 -5.08 17.33
CA THR C 73 3.19 -6.43 17.18
C THR C 73 1.69 -6.44 17.36
N LEU C 74 1.01 -7.15 16.48
CA LEU C 74 -0.42 -7.40 16.56
C LEU C 74 -0.63 -8.85 16.98
N THR C 75 -1.38 -9.06 18.05
CA THR C 75 -1.64 -10.40 18.55
C THR C 75 -3.13 -10.68 18.51
N ILE C 76 -3.48 -11.84 17.94
CA ILE C 76 -4.83 -12.38 17.95
C ILE C 76 -4.82 -13.54 18.93
N SER C 77 -5.45 -13.35 20.09
CA SER C 77 -5.35 -14.32 21.17
C SER C 77 -6.03 -15.63 20.80
N ARG C 78 -7.30 -15.59 20.45
CA ARG C 78 -8.08 -16.77 20.10
C ARG C 78 -8.42 -16.70 18.62
N LEU C 79 -7.62 -17.39 17.80
CA LEU C 79 -7.84 -17.41 16.36
C LEU C 79 -9.17 -18.09 16.03
N GLU C 80 -10.00 -17.40 15.27
CA GLU C 80 -11.25 -17.93 14.77
C GLU C 80 -11.17 -18.10 13.25
N PRO C 81 -11.99 -18.99 12.68
CA PRO C 81 -11.87 -19.26 11.23
C PRO C 81 -12.03 -18.04 10.35
N GLU C 82 -12.77 -17.02 10.80
CA GLU C 82 -12.91 -15.79 10.03
C GLU C 82 -11.67 -14.90 10.10
N ASP C 83 -10.73 -15.18 11.00
CA ASP C 83 -9.55 -14.35 11.20
C ASP C 83 -8.40 -14.71 10.26
N PHE C 84 -8.58 -15.68 9.38
CA PHE C 84 -7.51 -16.11 8.48
C PHE C 84 -7.54 -15.23 7.23
N ALA C 85 -6.72 -14.20 7.22
CA ALA C 85 -6.67 -13.22 6.13
C ALA C 85 -5.24 -12.71 6.01
N ILE C 86 -5.06 -11.59 5.34
CA ILE C 86 -3.75 -10.94 5.27
C ILE C 86 -3.80 -9.68 6.11
N TYR C 87 -2.67 -9.32 6.72
CA TYR C 87 -2.62 -8.23 7.67
C TYR C 87 -1.47 -7.30 7.31
N TYR C 88 -1.76 -6.01 7.22
CA TYR C 88 -0.78 -4.98 6.88
C TYR C 88 -0.61 -4.02 8.05
N CYS C 89 0.65 -3.64 8.30
CA CYS C 89 0.93 -2.52 9.19
C CYS C 89 1.27 -1.30 8.33
N GLN C 90 0.83 -0.13 8.79
CA GLN C 90 0.95 1.09 8.01
C GLN C 90 1.32 2.25 8.91
N GLN C 91 2.31 3.02 8.48
CA GLN C 91 2.72 4.24 9.19
C GLN C 91 2.69 5.39 8.18
N GLY C 92 1.69 6.25 8.30
CA GLY C 92 1.53 7.37 7.40
C GLY C 92 1.40 6.94 5.95
N VAL C 93 2.44 7.22 5.17
CA VAL C 93 2.42 6.91 3.74
C VAL C 93 2.86 5.47 3.45
N THR C 94 3.67 4.86 4.33
CA THR C 94 4.25 3.56 4.07
C THR C 94 3.32 2.44 4.54
N PHE C 95 3.36 1.33 3.81
CA PHE C 95 2.65 0.11 4.16
C PHE C 95 3.64 -1.03 4.32
N GLY C 96 3.30 -1.96 5.20
CA GLY C 96 4.09 -3.17 5.34
C GLY C 96 3.81 -4.16 4.23
N GLY C 97 4.71 -5.14 4.10
CA GLY C 97 4.57 -6.13 3.04
C GLY C 97 3.33 -6.99 3.20
N GLY C 98 2.89 -7.20 4.44
CA GLY C 98 1.73 -8.02 4.70
C GLY C 98 2.12 -9.39 5.26
N THR C 99 1.22 -9.97 6.05
CA THR C 99 1.41 -11.29 6.62
C THR C 99 0.13 -12.09 6.42
N LYS C 100 0.27 -13.26 5.81
CA LYS C 100 -0.86 -14.15 5.59
C LYS C 100 -0.91 -15.18 6.72
N VAL C 101 -2.05 -15.26 7.40
CA VAL C 101 -2.28 -16.30 8.39
C VAL C 101 -3.15 -17.38 7.73
N GLU C 102 -2.61 -18.59 7.64
CA GLU C 102 -3.26 -19.69 6.94
C GLU C 102 -3.59 -20.80 7.92
N ILE C 103 -4.48 -21.69 7.49
CA ILE C 103 -4.81 -22.87 8.27
C ILE C 103 -3.60 -23.80 8.30
N LYS C 104 -3.21 -24.23 9.50
CA LYS C 104 -2.12 -25.18 9.65
C LYS C 104 -2.66 -26.60 9.57
N ARG C 105 -2.01 -27.43 8.75
CA ARG C 105 -2.38 -28.83 8.62
C ARG C 105 -1.10 -29.65 8.45
N THR C 106 -1.26 -30.97 8.41
CA THR C 106 -0.12 -31.85 8.26
C THR C 106 0.44 -31.77 6.85
N VAL C 107 1.73 -32.13 6.71
CA VAL C 107 2.40 -32.05 5.42
C VAL C 107 1.79 -33.06 4.46
N ALA C 108 1.42 -32.60 3.27
CA ALA C 108 0.85 -33.45 2.23
C ALA C 108 1.67 -33.25 0.96
N ALA C 109 2.19 -34.34 0.42
CA ALA C 109 2.95 -34.27 -0.82
C ALA C 109 2.00 -34.10 -2.00
N PRO C 110 2.38 -33.34 -3.01
CA PRO C 110 1.50 -33.14 -4.17
C PRO C 110 1.45 -34.39 -5.04
N SER C 111 0.31 -34.58 -5.70
CA SER C 111 0.23 -35.54 -6.78
C SER C 111 0.51 -34.82 -8.09
N VAL C 112 1.48 -35.33 -8.86
CA VAL C 112 2.02 -34.61 -10.01
C VAL C 112 1.54 -35.29 -11.29
N PHE C 113 1.01 -34.49 -12.20
CA PHE C 113 0.58 -34.94 -13.51
C PHE C 113 1.19 -34.03 -14.57
N ILE C 114 1.43 -34.59 -15.75
CA ILE C 114 1.93 -33.81 -16.87
C ILE C 114 0.99 -34.02 -18.06
N PHE C 115 0.79 -32.95 -18.84
CA PHE C 115 -0.13 -32.95 -19.96
C PHE C 115 0.59 -32.42 -21.18
N PRO C 116 0.75 -33.21 -22.23
CA PRO C 116 1.34 -32.71 -23.47
C PRO C 116 0.38 -31.80 -24.20
N PRO C 117 0.86 -31.02 -25.16
CA PRO C 117 -0.04 -30.14 -25.90
C PRO C 117 -1.01 -30.93 -26.77
N SER C 118 -2.22 -30.39 -26.91
CA SER C 118 -3.21 -31.02 -27.75
C SER C 118 -2.85 -30.85 -29.23
N ASP C 119 -3.39 -31.74 -30.06
CA ASP C 119 -3.13 -31.66 -31.50
C ASP C 119 -3.75 -30.40 -32.09
N GLU C 120 -4.95 -30.03 -31.63
CA GLU C 120 -5.61 -28.82 -32.11
C GLU C 120 -4.74 -27.59 -31.87
N GLN C 121 -4.09 -27.51 -30.70
CA GLN C 121 -3.20 -26.39 -30.43
C GLN C 121 -1.96 -26.45 -31.32
N LEU C 122 -1.43 -27.65 -31.55
CA LEU C 122 -0.27 -27.79 -32.41
C LEU C 122 -0.58 -27.34 -33.84
N LYS C 123 -1.84 -27.48 -34.28
CA LYS C 123 -2.21 -26.95 -35.58
C LYS C 123 -2.06 -25.44 -35.67
N SER C 124 -2.09 -24.73 -34.53
CA SER C 124 -2.00 -23.28 -34.57
C SER C 124 -0.56 -22.78 -34.63
N GLY C 125 0.39 -23.55 -34.11
CA GLY C 125 1.78 -23.17 -34.13
C GLY C 125 2.42 -22.92 -32.78
N THR C 126 1.74 -23.22 -31.68
CA THR C 126 2.27 -23.03 -30.34
C THR C 126 1.96 -24.26 -29.51
N ALA C 127 2.93 -24.67 -28.68
CA ALA C 127 2.80 -25.87 -27.86
C ALA C 127 2.84 -25.47 -26.39
N SER C 128 1.79 -25.81 -25.66
CA SER C 128 1.71 -25.56 -24.22
C SER C 128 1.74 -26.91 -23.50
N VAL C 129 2.81 -27.15 -22.75
CA VAL C 129 2.92 -28.31 -21.88
C VAL C 129 2.52 -27.87 -20.48
N VAL C 130 1.76 -28.71 -19.78
CA VAL C 130 1.19 -28.32 -18.49
C VAL C 130 1.64 -29.31 -17.43
N CYS C 131 2.01 -28.79 -16.26
CA CYS C 131 2.37 -29.61 -15.10
C CYS C 131 1.44 -29.23 -13.95
N LEU C 132 0.73 -30.21 -13.42
CA LEU C 132 -0.23 -30.01 -12.35
C LEU C 132 0.29 -30.64 -11.07
N LEU C 133 0.30 -29.87 -9.99
CA LEU C 133 0.63 -30.32 -8.65
C LEU C 133 -0.64 -30.21 -7.81
N ASN C 134 -1.16 -31.34 -7.34
CA ASN C 134 -2.50 -31.39 -6.78
C ASN C 134 -2.45 -31.66 -5.29
N ASN C 135 -3.12 -30.79 -4.53
CA ASN C 135 -3.48 -31.02 -3.13
C ASN C 135 -2.25 -31.29 -2.25
N PHE C 136 -1.40 -30.28 -2.15
CA PHE C 136 -0.21 -30.35 -1.30
C PHE C 136 -0.26 -29.30 -0.20
N TYR C 137 0.63 -29.48 0.78
CA TYR C 137 0.84 -28.55 1.87
C TYR C 137 2.20 -28.84 2.46
N PRO C 138 3.00 -27.82 2.80
CA PRO C 138 2.73 -26.38 2.71
C PRO C 138 2.78 -25.86 1.27
N ARG C 139 2.61 -24.55 1.09
CA ARG C 139 2.50 -23.98 -0.25
C ARG C 139 3.83 -23.95 -0.99
N GLU C 140 4.96 -23.94 -0.28
CA GLU C 140 6.27 -23.81 -0.91
C GLU C 140 6.58 -25.06 -1.71
N ALA C 141 6.62 -24.92 -3.04
CA ALA C 141 6.97 -26.01 -3.93
C ALA C 141 7.70 -25.43 -5.14
N LYS C 142 8.65 -26.20 -5.68
CA LYS C 142 9.43 -25.76 -6.83
C LYS C 142 9.17 -26.70 -8.01
N VAL C 143 8.93 -26.10 -9.18
CA VAL C 143 8.70 -26.82 -10.42
C VAL C 143 9.81 -26.45 -11.39
N GLN C 144 10.52 -27.46 -11.89
CA GLN C 144 11.60 -27.26 -12.85
C GLN C 144 11.26 -28.01 -14.13
N TRP C 145 11.23 -27.29 -15.24
CA TRP C 145 10.95 -27.91 -16.53
C TRP C 145 12.25 -28.38 -17.18
N LYS C 146 12.20 -29.56 -17.79
CA LYS C 146 13.33 -30.12 -18.52
C LYS C 146 12.86 -30.52 -19.92
N VAL C 147 13.59 -30.06 -20.92
CA VAL C 147 13.39 -30.44 -22.31
C VAL C 147 14.64 -31.18 -22.77
N ASP C 148 14.52 -32.48 -23.01
CA ASP C 148 15.66 -33.35 -23.29
C ASP C 148 16.73 -33.19 -22.22
N ASN C 149 16.28 -33.14 -20.96
CA ASN C 149 17.13 -32.99 -19.78
C ASN C 149 17.87 -31.66 -19.75
N ALA C 150 17.38 -30.66 -20.49
CA ALA C 150 17.91 -29.31 -20.44
C ALA C 150 16.94 -28.45 -19.63
N LEU C 151 17.47 -27.80 -18.60
CA LEU C 151 16.61 -27.02 -17.69
C LEU C 151 16.11 -25.77 -18.39
N GLN C 152 14.80 -25.58 -18.38
CA GLN C 152 14.15 -24.46 -19.06
C GLN C 152 13.91 -23.33 -18.08
N SER C 153 14.30 -22.12 -18.47
CA SER C 153 14.10 -20.93 -17.64
C SER C 153 13.60 -19.79 -18.52
N GLY C 154 12.64 -19.04 -17.99
CA GLY C 154 12.13 -17.88 -18.69
C GLY C 154 11.12 -18.17 -19.77
N ASN C 155 10.55 -19.38 -19.79
CA ASN C 155 9.54 -19.74 -20.77
C ASN C 155 8.37 -20.47 -20.12
N SER C 156 8.08 -20.14 -18.85
CA SER C 156 7.02 -20.81 -18.12
C SER C 156 6.38 -19.84 -17.15
N GLN C 157 5.11 -20.11 -16.81
CA GLN C 157 4.37 -19.33 -15.84
C GLN C 157 3.53 -20.27 -14.98
N GLU C 158 3.49 -20.02 -13.67
CA GLU C 158 2.74 -20.88 -12.77
C GLU C 158 1.71 -20.07 -11.99
N SER C 159 0.71 -20.78 -11.47
CA SER C 159 -0.41 -20.19 -10.75
C SER C 159 -0.84 -21.13 -9.64
N VAL C 160 -1.23 -20.55 -8.51
CA VAL C 160 -1.58 -21.31 -7.31
C VAL C 160 -2.99 -20.95 -6.88
N THR C 161 -3.77 -21.98 -6.52
CA THR C 161 -5.10 -21.76 -5.99
C THR C 161 -5.03 -21.30 -4.53
N GLU C 162 -6.15 -20.77 -4.05
CA GLU C 162 -6.25 -20.47 -2.63
C GLU C 162 -6.34 -21.76 -1.82
N GLN C 163 -6.06 -21.65 -0.53
CA GLN C 163 -6.11 -22.82 0.34
C GLN C 163 -7.52 -23.41 0.32
N ASP C 164 -7.61 -24.70 0.00
CA ASP C 164 -8.89 -25.35 -0.16
C ASP C 164 -9.68 -25.33 1.15
N SER C 165 -10.98 -25.04 1.05
CA SER C 165 -11.83 -24.89 2.21
C SER C 165 -12.18 -26.21 2.89
N LYS C 166 -11.74 -27.34 2.36
CA LYS C 166 -12.06 -28.65 2.94
C LYS C 166 -10.84 -29.36 3.51
N ASP C 167 -9.78 -29.52 2.72
CA ASP C 167 -8.58 -30.19 3.19
C ASP C 167 -7.41 -29.25 3.44
N SER C 168 -7.61 -27.93 3.29
CA SER C 168 -6.58 -26.93 3.56
C SER C 168 -5.30 -27.19 2.76
N THR C 169 -5.46 -27.66 1.55
CA THR C 169 -4.33 -27.93 0.66
C THR C 169 -4.22 -26.84 -0.40
N TYR C 170 -3.09 -26.85 -1.09
CA TYR C 170 -2.84 -25.96 -2.22
C TYR C 170 -2.68 -26.79 -3.48
N SER C 171 -2.96 -26.16 -4.62
CA SER C 171 -2.75 -26.77 -5.92
C SER C 171 -2.06 -25.75 -6.83
N LEU C 172 -1.07 -26.22 -7.57
CA LEU C 172 -0.26 -25.39 -8.45
C LEU C 172 -0.38 -25.91 -9.88
N SER C 173 -0.30 -24.98 -10.84
CA SER C 173 -0.35 -25.32 -12.25
C SER C 173 0.71 -24.49 -12.96
N SER C 174 1.70 -25.17 -13.55
CA SER C 174 2.73 -24.51 -14.34
C SER C 174 2.50 -24.80 -15.82
N THR C 175 2.76 -23.80 -16.65
CA THR C 175 2.60 -23.91 -18.09
C THR C 175 3.90 -23.51 -18.75
N LEU C 176 4.50 -24.44 -19.48
CA LEU C 176 5.65 -24.19 -20.34
C LEU C 176 5.13 -23.95 -21.76
N THR C 177 5.64 -22.91 -22.41
CA THR C 177 5.16 -22.51 -23.72
C THR C 177 6.33 -22.47 -24.70
N LEU C 178 6.18 -23.19 -25.81
CA LEU C 178 7.18 -23.20 -26.87
C LEU C 178 6.49 -22.97 -28.20
N SER C 179 7.30 -22.75 -29.23
CA SER C 179 6.80 -22.80 -30.59
C SER C 179 6.70 -24.25 -31.04
N LYS C 180 5.80 -24.51 -32.00
CA LYS C 180 5.66 -25.86 -32.53
C LYS C 180 6.99 -26.35 -33.10
N ALA C 181 7.74 -25.46 -33.75
CA ALA C 181 9.04 -25.84 -34.29
C ALA C 181 9.99 -26.28 -33.19
N ASP C 182 10.18 -25.44 -32.18
CA ASP C 182 11.04 -25.83 -31.05
C ASP C 182 10.45 -27.01 -30.29
N TYR C 183 9.12 -27.18 -30.32
CA TYR C 183 8.52 -28.31 -29.62
C TYR C 183 8.87 -29.62 -30.29
N GLU C 184 8.81 -29.68 -31.62
CA GLU C 184 9.11 -30.92 -32.34
C GLU C 184 10.59 -31.16 -32.53
N LYS C 185 11.45 -30.26 -32.04
CA LYS C 185 12.91 -30.44 -32.11
C LYS C 185 13.45 -31.29 -30.98
N HIS C 186 12.62 -31.69 -30.01
CA HIS C 186 13.06 -32.45 -28.86
C HIS C 186 12.04 -33.55 -28.57
N LYS C 187 12.44 -34.52 -27.75
CA LYS C 187 11.65 -35.71 -27.48
C LYS C 187 11.09 -35.74 -26.06
N VAL C 188 11.96 -35.71 -25.05
CA VAL C 188 11.54 -35.92 -23.66
C VAL C 188 11.15 -34.58 -23.06
N TYR C 189 9.96 -34.54 -22.45
CA TYR C 189 9.47 -33.35 -21.75
C TYR C 189 9.10 -33.75 -20.33
N ALA C 190 9.72 -33.08 -19.34
CA ALA C 190 9.54 -33.47 -17.96
C ALA C 190 9.33 -32.24 -17.09
N CYS C 191 8.58 -32.42 -16.00
CA CYS C 191 8.57 -31.46 -14.91
C CYS C 191 8.97 -32.20 -13.63
N GLU C 192 9.94 -31.61 -12.93
CA GLU C 192 10.48 -32.13 -11.68
C GLU C 192 10.00 -31.25 -10.55
N VAL C 193 9.38 -31.87 -9.55
CA VAL C 193 8.74 -31.16 -8.44
C VAL C 193 9.51 -31.46 -7.17
N THR C 194 9.92 -30.40 -6.47
CA THR C 194 10.51 -30.52 -5.15
C THR C 194 9.55 -29.91 -4.14
N HIS C 195 9.29 -30.65 -3.06
CA HIS C 195 8.35 -30.24 -2.03
C HIS C 195 8.75 -30.93 -0.73
N GLN C 196 8.35 -30.34 0.39
CA GLN C 196 8.76 -30.85 1.70
C GLN C 196 8.26 -32.27 1.93
N GLY C 197 7.06 -32.59 1.42
CA GLY C 197 6.48 -33.91 1.58
C GLY C 197 7.07 -35.00 0.71
N LEU C 198 8.12 -34.71 -0.05
CA LEU C 198 8.73 -35.68 -0.94
C LEU C 198 10.09 -36.08 -0.41
N SER C 199 10.35 -37.39 -0.35
CA SER C 199 11.67 -37.88 0.02
C SER C 199 12.71 -37.47 -1.02
N SER C 200 12.31 -37.44 -2.28
CA SER C 200 13.15 -37.05 -3.39
C SER C 200 12.28 -36.31 -4.41
N PRO C 201 12.88 -35.46 -5.23
CA PRO C 201 12.10 -34.76 -6.25
C PRO C 201 11.38 -35.73 -7.19
N VAL C 202 10.09 -35.48 -7.40
CA VAL C 202 9.27 -36.35 -8.23
C VAL C 202 9.24 -35.79 -9.65
N THR C 203 9.66 -36.60 -10.62
CA THR C 203 9.74 -36.18 -12.01
C THR C 203 8.68 -36.91 -12.83
N LYS C 204 7.78 -36.14 -13.44
CA LYS C 204 6.77 -36.69 -14.35
C LYS C 204 7.07 -36.21 -15.76
N SER C 205 7.11 -37.15 -16.72
CA SER C 205 7.58 -36.85 -18.05
C SER C 205 6.78 -37.61 -19.10
N PHE C 206 7.01 -37.23 -20.35
CA PHE C 206 6.46 -37.94 -21.50
C PHE C 206 7.39 -37.78 -22.68
N ASN C 207 7.26 -38.68 -23.64
CA ASN C 207 8.00 -38.63 -24.89
C ASN C 207 7.06 -38.18 -26.00
N ARG C 208 7.49 -37.20 -26.79
CA ARG C 208 6.65 -36.65 -27.85
C ARG C 208 6.33 -37.72 -28.88
N GLY C 209 5.04 -38.05 -29.00
CA GLY C 209 4.61 -39.08 -29.90
C GLY C 209 4.48 -40.45 -29.28
N GLU C 210 4.14 -40.52 -28.00
CA GLU C 210 4.02 -41.78 -27.25
C GLU C 210 5.30 -42.60 -27.32
C1 NAG D . 24.06 31.61 24.27
C2 NAG D . 24.37 32.78 23.35
C3 NAG D . 25.74 32.60 22.70
C4 NAG D . 26.81 32.36 23.76
C5 NAG D . 26.40 31.19 24.66
C6 NAG D . 27.36 30.97 25.80
C7 NAG D . 23.07 34.10 21.73
C8 NAG D . 21.97 34.08 20.72
N2 NAG D . 23.34 32.94 22.34
O3 NAG D . 26.06 33.76 21.94
O4 NAG D . 28.05 32.06 23.14
O5 NAG D . 25.11 31.46 25.24
O6 NAG D . 27.08 29.76 26.49
O7 NAG D . 23.71 35.13 21.99
#